data_2EBO
#
_entry.id   2EBO
#
_cell.length_a   75.660
_cell.length_b   75.660
_cell.length_c   67.930
_cell.angle_alpha   90.00
_cell.angle_beta   90.00
_cell.angle_gamma   120.00
#
_symmetry.space_group_name_H-M   'P 62'
#
loop_
_entity.id
_entity.type
_entity.pdbx_description
1 polymer 'EBOLA VIRUS ENVELOPE GLYCOPROTEIN'
2 non-polymer 'CHLORIDE ION'
3 water water
#
_entity_poly.entity_id   1
_entity_poly.type   'polypeptide(L)'
_entity_poly.pdbx_seq_one_letter_code
;GLRQLANETTQALQLFLRATTELRTFSILNRKAIDFLLQRWGGTCHILGPDCAIEPHDWTKNITDKIDQIIHDF
;
_entity_poly.pdbx_strand_id   A,B,C
#
# COMPACT_ATOMS: atom_id res chain seq x y z
N GLY A 1 -16.59 18.80 20.29
CA GLY A 1 -17.43 18.12 21.35
C GLY A 1 -16.78 16.86 21.93
N LEU A 2 -15.73 16.41 21.26
CA LEU A 2 -15.01 15.22 21.69
C LEU A 2 -13.73 14.97 20.88
N ARG A 3 -12.58 14.97 21.56
CA ARG A 3 -11.31 14.72 20.88
C ARG A 3 -10.75 13.31 21.06
N GLN A 4 -11.63 12.37 21.39
CA GLN A 4 -11.23 10.98 21.52
C GLN A 4 -11.07 10.57 20.06
N LEU A 5 -11.83 11.26 19.22
CA LEU A 5 -11.86 11.04 17.78
C LEU A 5 -10.57 11.48 17.09
N ALA A 6 -9.99 12.57 17.57
CA ALA A 6 -8.74 13.05 17.00
C ALA A 6 -7.66 12.02 17.28
N ASN A 7 -7.79 11.33 18.42
CA ASN A 7 -6.85 10.29 18.82
C ASN A 7 -7.11 9.01 18.04
N GLU A 8 -8.39 8.75 17.77
CA GLU A 8 -8.76 7.56 17.01
C GLU A 8 -8.37 7.69 15.55
N THR A 9 -8.45 8.89 15.02
CA THR A 9 -8.08 9.13 13.63
C THR A 9 -6.57 8.93 13.49
N THR A 10 -5.82 9.48 14.42
CA THR A 10 -4.37 9.36 14.42
C THR A 10 -4.01 7.89 14.51
N GLN A 11 -4.77 7.16 15.32
CA GLN A 11 -4.53 5.75 15.53
C GLN A 11 -4.80 4.93 14.29
N ALA A 12 -5.81 5.29 13.51
CA ALA A 12 -6.08 4.50 12.31
C ALA A 12 -4.96 4.78 11.31
N LEU A 13 -4.52 6.04 11.25
CA LEU A 13 -3.42 6.43 10.36
C LEU A 13 -2.13 5.69 10.70
N GLN A 14 -1.85 5.50 11.99
CA GLN A 14 -0.64 4.78 12.38
C GLN A 14 -0.71 3.32 11.96
N LEU A 15 -1.91 2.75 12.00
CA LEU A 15 -2.11 1.37 11.58
C LEU A 15 -1.81 1.28 10.09
N PHE A 16 -2.34 2.23 9.35
CA PHE A 16 -2.08 2.23 7.91
C PHE A 16 -0.61 2.45 7.60
N LEU A 17 0.08 3.26 8.41
CA LEU A 17 1.51 3.48 8.18
C LEU A 17 2.30 2.19 8.38
N ARG A 18 1.97 1.42 9.41
CA ARG A 18 2.70 0.18 9.61
C ARG A 18 2.37 -0.76 8.47
N ALA A 19 1.10 -0.82 8.09
CA ALA A 19 0.70 -1.70 7.01
C ALA A 19 1.42 -1.36 5.68
N THR A 20 1.47 -0.07 5.35
CA THR A 20 2.09 0.33 4.07
C THR A 20 3.62 0.26 4.14
N THR A 21 4.17 0.45 5.33
CA THR A 21 5.62 0.36 5.47
C THR A 21 6.03 -1.09 5.19
N GLU A 22 5.22 -2.04 5.67
CA GLU A 22 5.49 -3.48 5.43
C GLU A 22 5.35 -3.80 3.93
N LEU A 23 4.36 -3.21 3.28
CA LEU A 23 4.17 -3.47 1.85
C LEU A 23 5.33 -2.93 1.03
N ARG A 24 5.78 -1.74 1.38
CA ARG A 24 6.89 -1.13 0.65
C ARG A 24 8.16 -2.03 0.76
N THR A 25 8.46 -2.47 1.97
CA THR A 25 9.65 -3.30 2.16
C THR A 25 9.59 -4.60 1.38
N PHE A 26 8.46 -5.30 1.45
CA PHE A 26 8.21 -6.56 0.78
C PHE A 26 8.31 -6.37 -0.74
N SER A 27 7.70 -5.30 -1.25
CA SER A 27 7.71 -5.01 -2.68
C SER A 27 9.14 -4.72 -3.20
N ILE A 28 9.89 -3.95 -2.43
CA ILE A 28 11.27 -3.62 -2.80
C ILE A 28 12.07 -4.92 -2.81
N LEU A 29 11.82 -5.82 -1.84
CA LEU A 29 12.52 -7.10 -1.83
C LEU A 29 12.15 -7.91 -3.06
N ASN A 30 10.88 -7.87 -3.48
CA ASN A 30 10.53 -8.59 -4.69
C ASN A 30 11.33 -8.02 -5.87
N ARG A 31 11.52 -6.69 -5.92
CA ARG A 31 12.29 -6.13 -7.04
C ARG A 31 13.76 -6.55 -6.95
N LYS A 32 14.26 -6.69 -5.73
CA LYS A 32 15.65 -7.10 -5.54
C LYS A 32 15.84 -8.48 -6.19
N ALA A 33 14.89 -9.38 -5.94
CA ALA A 33 14.93 -10.72 -6.51
C ALA A 33 14.81 -10.60 -8.03
N ILE A 34 13.90 -9.75 -8.50
CA ILE A 34 13.72 -9.55 -9.94
C ILE A 34 14.98 -8.97 -10.60
N ASP A 35 15.65 -8.02 -9.95
CA ASP A 35 16.88 -7.43 -10.52
C ASP A 35 17.94 -8.54 -10.70
N PHE A 36 17.97 -9.47 -9.75
CA PHE A 36 18.93 -10.57 -9.79
C PHE A 36 18.64 -11.47 -10.98
N LEU A 37 17.37 -11.79 -11.16
CA LEU A 37 16.96 -12.68 -12.23
C LEU A 37 17.10 -12.07 -13.62
N LEU A 38 17.00 -10.75 -13.72
CA LEU A 38 17.09 -10.06 -15.01
C LEU A 38 18.51 -9.72 -15.41
N GLN A 39 19.46 -9.93 -14.50
CA GLN A 39 20.84 -9.57 -14.79
C GLN A 39 21.37 -10.18 -16.09
N ARG A 40 21.06 -11.45 -16.32
CA ARG A 40 21.56 -12.15 -17.50
C ARG A 40 20.78 -11.83 -18.78
N TRP A 41 19.66 -11.11 -18.64
CA TRP A 41 18.86 -10.75 -19.80
C TRP A 41 19.03 -9.29 -20.19
N GLY A 42 20.06 -8.63 -19.66
CA GLY A 42 20.30 -7.24 -20.01
C GLY A 42 20.05 -6.26 -18.87
N GLY A 43 19.43 -6.75 -17.81
CA GLY A 43 19.14 -5.89 -16.68
C GLY A 43 17.69 -5.44 -16.71
N THR A 44 17.18 -5.06 -15.54
CA THR A 44 15.81 -4.60 -15.43
C THR A 44 15.47 -3.45 -16.36
N CYS A 45 16.37 -2.47 -16.48
CA CYS A 45 16.09 -1.33 -17.38
C CYS A 45 16.01 -1.76 -18.83
N HIS A 46 16.71 -2.82 -19.19
CA HIS A 46 16.64 -3.28 -20.57
C HIS A 46 15.23 -3.81 -20.84
N ILE A 47 14.65 -4.47 -19.85
CA ILE A 47 13.31 -5.03 -19.98
C ILE A 47 12.16 -4.04 -19.73
N LEU A 48 12.29 -3.17 -18.74
CA LEU A 48 11.23 -2.22 -18.40
C LEU A 48 11.38 -0.81 -18.98
N GLY A 49 12.58 -0.48 -19.46
CA GLY A 49 12.81 0.85 -19.98
C GLY A 49 13.03 1.79 -18.80
N PRO A 50 13.01 3.10 -19.04
CA PRO A 50 13.23 4.10 -17.99
C PRO A 50 12.30 3.96 -16.77
N ASP A 51 11.18 3.23 -16.91
CA ASP A 51 10.27 3.02 -15.75
C ASP A 51 11.05 2.27 -14.66
N CYS A 52 12.13 1.60 -15.04
CA CYS A 52 12.97 0.83 -14.10
C CYS A 52 13.55 1.69 -12.98
N ALA A 53 13.65 2.99 -13.24
CA ALA A 53 14.26 3.92 -12.28
C ALA A 53 13.36 4.49 -11.21
N ILE A 54 12.18 3.91 -11.03
CA ILE A 54 11.24 4.41 -10.05
C ILE A 54 11.17 3.44 -8.88
N GLU A 55 11.06 3.98 -7.67
CA GLU A 55 10.93 3.18 -6.46
C GLU A 55 9.95 3.92 -5.55
N PRO A 56 9.13 3.18 -4.77
CA PRO A 56 8.20 3.94 -3.92
C PRO A 56 9.03 4.68 -2.87
N HIS A 57 8.69 5.92 -2.63
CA HIS A 57 9.41 6.69 -1.63
C HIS A 57 8.91 6.28 -0.25
N ASP A 58 9.71 6.59 0.76
CA ASP A 58 9.35 6.26 2.14
C ASP A 58 8.68 7.48 2.71
N TRP A 59 7.36 7.44 2.87
CA TRP A 59 6.65 8.61 3.39
C TRP A 59 6.49 8.62 4.91
N THR A 60 7.24 7.77 5.59
CA THR A 60 7.17 7.69 7.05
C THR A 60 7.25 9.05 7.74
N LYS A 61 8.34 9.77 7.50
CA LYS A 61 8.50 11.07 8.16
C LYS A 61 7.37 12.03 7.84
N ASN A 62 7.00 12.10 6.56
CA ASN A 62 5.95 12.99 6.11
C ASN A 62 4.63 12.66 6.82
N ILE A 63 4.34 11.38 6.93
CA ILE A 63 3.09 10.95 7.54
C ILE A 63 3.10 11.09 9.07
N THR A 64 4.22 10.75 9.70
CA THR A 64 4.31 10.89 11.15
C THR A 64 4.22 12.39 11.51
N ASP A 65 4.81 13.26 10.69
CA ASP A 65 4.74 14.68 10.96
C ASP A 65 3.32 15.20 10.89
N LYS A 66 2.55 14.67 9.93
CA LYS A 66 1.16 15.10 9.79
C LYS A 66 0.30 14.59 10.94
N ILE A 67 0.58 13.36 11.36
CA ILE A 67 -0.14 12.72 12.46
C ILE A 67 0.07 13.52 13.76
N ASP A 68 1.31 13.91 14.01
CA ASP A 68 1.65 14.69 15.20
C ASP A 68 0.94 16.02 15.17
N GLN A 69 1.00 16.69 14.02
CA GLN A 69 0.36 17.99 13.85
C GLN A 69 -1.11 17.94 14.21
N ILE A 70 -1.74 16.78 13.95
CA ILE A 70 -3.15 16.58 14.26
C ILE A 70 -3.37 16.60 15.77
N ILE A 71 -2.52 15.85 16.48
CA ILE A 71 -2.60 15.77 17.94
C ILE A 71 -2.33 17.13 18.56
N HIS A 72 -1.49 17.92 17.90
CA HIS A 72 -1.13 19.25 18.39
C HIS A 72 -2.16 20.30 17.98
N ASP A 73 -2.75 20.14 16.80
CA ASP A 73 -3.76 21.08 16.33
C ASP A 73 -5.07 20.71 17.00
N PHE A 74 -4.95 19.92 18.08
CA PHE A 74 -6.10 19.48 18.85
C PHE A 74 -6.94 20.71 19.20
N GLY B 1 -15.77 27.07 16.44
CA GLY B 1 -15.67 27.33 14.98
C GLY B 1 -14.25 27.17 14.45
N LEU B 2 -13.57 26.11 14.91
CA LEU B 2 -12.20 25.84 14.50
C LEU B 2 -12.01 24.43 13.94
N ARG B 3 -13.09 23.75 13.57
CA ARG B 3 -12.95 22.40 13.05
C ARG B 3 -11.95 22.27 11.90
N GLN B 4 -10.73 21.84 12.27
CA GLN B 4 -9.64 21.63 11.34
C GLN B 4 -9.02 20.25 11.51
N LEU B 5 -9.65 19.42 12.34
CA LEU B 5 -9.21 18.06 12.55
C LEU B 5 -9.37 17.35 11.20
N ALA B 6 -10.40 17.77 10.46
CA ALA B 6 -10.70 17.22 9.15
C ALA B 6 -9.70 17.75 8.13
N ASN B 7 -9.27 18.98 8.34
CA ASN B 7 -8.31 19.64 7.47
C ASN B 7 -7.03 18.80 7.41
N GLU B 8 -6.48 18.50 8.58
CA GLU B 8 -5.27 17.71 8.70
C GLU B 8 -5.48 16.25 8.38
N THR B 9 -6.69 15.76 8.62
CA THR B 9 -6.99 14.37 8.33
C THR B 9 -6.95 14.26 6.81
N THR B 10 -7.54 15.24 6.14
CA THR B 10 -7.59 15.29 4.68
C THR B 10 -6.19 15.28 4.09
N GLN B 11 -5.32 16.08 4.67
CA GLN B 11 -3.95 16.17 4.20
C GLN B 11 -3.22 14.86 4.42
N ALA B 12 -3.51 14.22 5.55
CA ALA B 12 -2.87 12.96 5.84
C ALA B 12 -3.35 11.92 4.82
N LEU B 13 -4.63 11.94 4.49
CA LEU B 13 -5.18 11.00 3.53
C LEU B 13 -4.53 11.23 2.17
N GLN B 14 -4.27 12.49 1.84
CA GLN B 14 -3.63 12.79 0.55
C GLN B 14 -2.22 12.21 0.48
N LEU B 15 -1.47 12.29 1.59
CA LEU B 15 -0.13 11.73 1.60
C LEU B 15 -0.23 10.23 1.38
N PHE B 16 -1.19 9.59 2.04
CA PHE B 16 -1.34 8.14 1.88
C PHE B 16 -1.72 7.80 0.45
N LEU B 17 -2.48 8.65 -0.21
CA LEU B 17 -2.85 8.36 -1.60
C LEU B 17 -1.59 8.32 -2.44
N ARG B 18 -0.72 9.31 -2.24
CA ARG B 18 0.53 9.35 -2.99
C ARG B 18 1.35 8.10 -2.73
N ALA B 19 1.51 7.76 -1.46
CA ALA B 19 2.27 6.58 -1.10
C ALA B 19 1.68 5.28 -1.67
N THR B 20 0.35 5.12 -1.66
CA THR B 20 -0.22 3.87 -2.17
C THR B 20 -0.25 3.80 -3.69
N THR B 21 -0.39 4.95 -4.34
CA THR B 21 -0.38 4.94 -5.80
C THR B 21 1.04 4.52 -6.22
N GLU B 22 2.05 4.97 -5.47
CA GLU B 22 3.42 4.58 -5.78
C GLU B 22 3.61 3.07 -5.62
N LEU B 23 3.03 2.50 -4.56
CA LEU B 23 3.16 1.07 -4.36
C LEU B 23 2.46 0.31 -5.50
N ARG B 24 1.30 0.81 -5.93
CA ARG B 24 0.59 0.13 -7.02
C ARG B 24 1.39 0.14 -8.31
N THR B 25 1.88 1.32 -8.71
CA THR B 25 2.66 1.45 -9.95
C THR B 25 3.90 0.54 -9.91
N PHE B 26 4.61 0.53 -8.78
CA PHE B 26 5.82 -0.28 -8.63
C PHE B 26 5.54 -1.76 -8.63
N SER B 27 4.50 -2.18 -7.90
CA SER B 27 4.15 -3.59 -7.86
C SER B 27 3.71 -4.08 -9.24
N ILE B 28 3.06 -3.21 -10.01
CA ILE B 28 2.62 -3.60 -11.35
C ILE B 28 3.84 -3.71 -12.27
N LEU B 29 4.81 -2.81 -12.10
CA LEU B 29 6.04 -2.91 -12.90
C LEU B 29 6.71 -4.24 -12.54
N ASN B 30 6.65 -4.61 -11.26
CA ASN B 30 7.26 -5.88 -10.88
C ASN B 30 6.58 -7.05 -11.62
N ARG B 31 5.25 -7.04 -11.69
CA ARG B 31 4.55 -8.11 -12.42
C ARG B 31 4.98 -8.14 -13.91
N LYS B 32 5.12 -6.96 -14.50
CA LYS B 32 5.54 -6.87 -15.91
C LYS B 32 6.86 -7.60 -16.08
N ALA B 33 7.81 -7.32 -15.20
CA ALA B 33 9.10 -7.98 -15.21
C ALA B 33 8.89 -9.50 -15.04
N ILE B 34 8.04 -9.87 -14.09
CA ILE B 34 7.75 -11.29 -13.82
C ILE B 34 7.14 -12.00 -15.02
N ASP B 35 6.25 -11.30 -15.73
CA ASP B 35 5.60 -11.87 -16.91
C ASP B 35 6.67 -12.19 -17.96
N PHE B 36 7.64 -11.30 -18.12
CA PHE B 36 8.73 -11.54 -19.08
C PHE B 36 9.47 -12.82 -18.68
N LEU B 37 9.88 -12.89 -17.41
CA LEU B 37 10.60 -14.05 -16.90
C LEU B 37 9.85 -15.38 -16.98
N LEU B 38 8.53 -15.37 -16.90
CA LEU B 38 7.78 -16.63 -16.96
C LEU B 38 7.34 -17.01 -18.36
N GLN B 39 7.79 -16.27 -19.37
CA GLN B 39 7.41 -16.56 -20.74
C GLN B 39 7.80 -17.97 -21.14
N ARG B 40 9.06 -18.31 -21.00
CA ARG B 40 9.50 -19.64 -21.39
C ARG B 40 9.13 -20.75 -20.40
N TRP B 41 8.27 -20.43 -19.44
CA TRP B 41 7.82 -21.41 -18.46
C TRP B 41 6.34 -21.71 -18.65
N GLY B 42 5.75 -21.10 -19.67
CA GLY B 42 4.33 -21.32 -19.94
C GLY B 42 3.50 -20.09 -19.64
N GLY B 43 4.15 -19.05 -19.15
CA GLY B 43 3.42 -17.83 -18.83
C GLY B 43 3.08 -17.74 -17.36
N THR B 44 2.79 -16.53 -16.91
CA THR B 44 2.45 -16.29 -15.52
C THR B 44 1.19 -17.03 -15.11
N CYS B 45 0.16 -16.95 -15.94
CA CYS B 45 -1.12 -17.59 -15.65
C CYS B 45 -1.08 -19.10 -15.57
N HIS B 46 -0.02 -19.72 -16.04
CA HIS B 46 0.04 -21.18 -15.95
C HIS B 46 0.83 -21.55 -14.71
N ILE B 47 1.27 -20.54 -13.97
CA ILE B 47 2.00 -20.75 -12.73
C ILE B 47 1.13 -20.31 -11.56
N LEU B 48 0.33 -19.27 -11.78
CA LEU B 48 -0.56 -18.73 -10.73
C LEU B 48 -2.03 -19.09 -10.90
N GLY B 49 -2.47 -19.23 -12.15
CA GLY B 49 -3.86 -19.61 -12.44
C GLY B 49 -5.02 -18.87 -11.81
N PRO B 50 -5.60 -19.42 -10.72
CA PRO B 50 -6.74 -18.82 -10.00
C PRO B 50 -6.40 -17.53 -9.25
N ASP B 51 -5.33 -16.87 -9.67
CA ASP B 51 -4.90 -15.63 -9.05
C ASP B 51 -4.26 -14.64 -10.06
N CYS B 52 -3.64 -15.18 -11.10
CA CYS B 52 -2.94 -14.39 -12.12
C CYS B 52 -3.61 -13.16 -12.76
N ALA B 53 -4.93 -13.16 -12.88
CA ALA B 53 -5.63 -12.04 -13.48
C ALA B 53 -5.90 -10.92 -12.49
N ILE B 54 -5.52 -11.14 -11.24
CA ILE B 54 -5.71 -10.17 -10.16
C ILE B 54 -4.70 -9.01 -10.25
N GLU B 55 -5.22 -7.79 -10.34
CA GLU B 55 -4.40 -6.58 -10.39
C GLU B 55 -5.06 -5.55 -9.45
N PRO B 56 -4.26 -4.75 -8.71
CA PRO B 56 -4.89 -3.78 -7.81
C PRO B 56 -5.69 -2.75 -8.60
N HIS B 57 -6.91 -2.46 -8.17
CA HIS B 57 -7.67 -1.44 -8.88
C HIS B 57 -7.06 -0.10 -8.51
N ASP B 58 -7.34 0.91 -9.31
CA ASP B 58 -6.85 2.25 -9.03
C ASP B 58 -8.02 2.93 -8.32
N TRP B 59 -7.90 3.15 -7.01
CA TRP B 59 -8.99 3.79 -6.28
C TRP B 59 -8.85 5.30 -6.16
N THR B 60 -7.99 5.89 -6.98
CA THR B 60 -7.75 7.32 -6.94
C THR B 60 -8.99 8.22 -7.00
N LYS B 61 -9.83 8.04 -8.01
CA LYS B 61 -11.03 8.87 -8.16
C LYS B 61 -11.98 8.75 -6.97
N ASN B 62 -12.20 7.53 -6.52
CA ASN B 62 -13.07 7.23 -5.39
C ASN B 62 -12.56 7.90 -4.12
N ILE B 63 -11.25 7.79 -3.89
CA ILE B 63 -10.66 8.36 -2.70
C ILE B 63 -10.63 9.88 -2.76
N THR B 64 -10.26 10.38 -3.93
CA THR B 64 -10.17 11.80 -4.18
C THR B 64 -11.55 12.45 -4.01
N ASP B 65 -12.58 11.80 -4.55
CA ASP B 65 -13.93 12.33 -4.41
C ASP B 65 -14.39 12.31 -2.96
N LYS B 66 -14.00 11.26 -2.23
CA LYS B 66 -14.42 11.19 -0.84
C LYS B 66 -13.74 12.28 -0.04
N ILE B 67 -12.47 12.54 -0.36
CA ILE B 67 -11.69 13.58 0.31
C ILE B 67 -12.26 14.95 -0.03
N ASP B 68 -12.67 15.14 -1.29
CA ASP B 68 -13.25 16.41 -1.72
C ASP B 68 -14.56 16.62 -0.98
N GLN B 69 -15.28 15.53 -0.73
CA GLN B 69 -16.54 15.59 -0.02
C GLN B 69 -16.32 16.08 1.40
N ILE B 70 -15.37 15.48 2.11
CA ILE B 70 -15.07 15.85 3.48
C ILE B 70 -14.71 17.33 3.53
N ILE B 71 -13.80 17.72 2.65
CA ILE B 71 -13.35 19.10 2.53
C ILE B 71 -14.55 20.01 2.26
N HIS B 72 -15.53 19.48 1.54
CA HIS B 72 -16.74 20.21 1.17
C HIS B 72 -17.74 20.41 2.31
N ASP B 73 -17.46 19.88 3.49
CA ASP B 73 -18.37 20.05 4.62
C ASP B 73 -18.07 21.32 5.41
N PHE B 74 -17.14 22.12 4.89
CA PHE B 74 -16.75 23.40 5.49
C PHE B 74 -15.89 24.20 4.51
N GLY C 1 -16.19 20.17 14.53
CA GLY C 1 -17.65 19.86 14.58
C GLY C 1 -18.03 18.79 13.57
N LEU C 2 -19.33 18.67 13.31
CA LEU C 2 -19.86 17.70 12.36
C LEU C 2 -19.40 16.29 12.69
N ARG C 3 -20.16 15.62 13.55
CA ARG C 3 -19.85 14.25 13.97
C ARG C 3 -20.46 13.24 13.01
N GLN C 4 -21.00 13.74 11.89
CA GLN C 4 -21.61 12.90 10.84
C GLN C 4 -20.59 12.89 9.71
N LEU C 5 -19.47 13.53 9.99
CA LEU C 5 -18.34 13.60 9.07
C LEU C 5 -17.71 12.22 9.20
N ALA C 6 -17.95 11.60 10.35
CA ALA C 6 -17.41 10.29 10.67
C ALA C 6 -17.65 9.25 9.61
N ASN C 7 -18.88 9.15 9.10
CA ASN C 7 -19.13 8.15 8.08
C ASN C 7 -18.28 8.43 6.85
N GLU C 8 -18.21 9.70 6.47
CA GLU C 8 -17.41 10.08 5.31
C GLU C 8 -15.93 9.75 5.52
N THR C 9 -15.39 10.16 6.66
CA THR C 9 -13.99 9.91 7.00
C THR C 9 -13.67 8.41 7.04
N THR C 10 -14.59 7.64 7.63
CA THR C 10 -14.40 6.19 7.72
C THR C 10 -14.62 5.53 6.35
N GLN C 11 -15.40 6.16 5.48
CA GLN C 11 -15.59 5.57 4.15
C GLN C 11 -14.28 5.75 3.39
N ALA C 12 -13.61 6.87 3.64
CA ALA C 12 -12.32 7.15 3.02
C ALA C 12 -11.34 6.06 3.52
N LEU C 13 -11.33 5.82 4.84
CA LEU C 13 -10.46 4.81 5.44
C LEU C 13 -10.81 3.42 4.93
N GLN C 14 -12.10 3.15 4.70
CA GLN C 14 -12.51 1.85 4.20
C GLN C 14 -12.02 1.67 2.76
N LEU C 15 -11.97 2.77 1.99
CA LEU C 15 -11.47 2.69 0.62
C LEU C 15 -9.96 2.37 0.65
N PHE C 16 -9.24 2.97 1.59
CA PHE C 16 -7.81 2.71 1.73
C PHE C 16 -7.59 1.26 2.18
N LEU C 17 -8.49 0.75 3.02
CA LEU C 17 -8.37 -0.64 3.44
C LEU C 17 -8.54 -1.55 2.22
N ARG C 18 -9.49 -1.24 1.34
CA ARG C 18 -9.67 -2.07 0.15
C ARG C 18 -8.40 -2.01 -0.70
N ALA C 19 -7.93 -0.80 -0.92
CA ALA C 19 -6.71 -0.60 -1.74
C ALA C 19 -5.50 -1.36 -1.18
N THR C 20 -5.23 -1.22 0.12
CA THR C 20 -4.06 -1.90 0.71
C THR C 20 -4.24 -3.43 0.76
N THR C 21 -5.49 -3.88 0.89
CA THR C 21 -5.72 -5.32 0.90
C THR C 21 -5.40 -5.88 -0.49
N GLU C 22 -5.77 -5.13 -1.53
CA GLU C 22 -5.49 -5.57 -2.89
C GLU C 22 -3.98 -5.55 -3.14
N LEU C 23 -3.31 -4.53 -2.60
CA LEU C 23 -1.86 -4.42 -2.81
C LEU C 23 -1.16 -5.61 -2.16
N ARG C 24 -1.63 -5.95 -0.97
CA ARG C 24 -1.09 -7.08 -0.24
C ARG C 24 -1.30 -8.39 -1.00
N THR C 25 -2.52 -8.61 -1.49
CA THR C 25 -2.79 -9.85 -2.20
C THR C 25 -1.93 -9.97 -3.46
N PHE C 26 -1.84 -8.89 -4.19
CA PHE C 26 -1.08 -8.85 -5.43
C PHE C 26 0.42 -9.02 -5.22
N SER C 27 0.99 -8.30 -4.24
CA SER C 27 2.43 -8.41 -3.98
C SER C 27 2.83 -9.81 -3.49
N ILE C 28 1.91 -10.48 -2.81
CA ILE C 28 2.18 -11.84 -2.35
C ILE C 28 2.17 -12.77 -3.56
N LEU C 29 1.26 -12.56 -4.50
CA LEU C 29 1.27 -13.40 -5.69
C LEU C 29 2.58 -13.18 -6.46
N ASN C 30 3.09 -11.94 -6.45
CA ASN C 30 4.35 -11.67 -7.13
C ASN C 30 5.45 -12.50 -6.43
N ARG C 31 5.41 -12.58 -5.11
CA ARG C 31 6.43 -13.37 -4.40
C ARG C 31 6.28 -14.85 -4.75
N LYS C 32 5.04 -15.31 -4.89
CA LYS C 32 4.78 -16.71 -5.24
C LYS C 32 5.46 -17.04 -6.57
N ALA C 33 5.31 -16.14 -7.55
CA ALA C 33 5.92 -16.30 -8.88
C ALA C 33 7.45 -16.26 -8.77
N ILE C 34 7.96 -15.33 -7.97
CA ILE C 34 9.40 -15.20 -7.76
C ILE C 34 9.97 -16.46 -7.07
N ASP C 35 9.27 -16.98 -6.07
CA ASP C 35 9.71 -18.19 -5.36
C ASP C 35 9.88 -19.33 -6.36
N PHE C 36 8.93 -19.46 -7.28
CA PHE C 36 9.01 -20.51 -8.28
C PHE C 36 10.31 -20.31 -9.08
N LEU C 37 10.49 -19.10 -9.60
CA LEU C 37 11.68 -18.77 -10.37
C LEU C 37 13.01 -19.04 -9.65
N LEU C 38 13.11 -18.65 -8.39
CA LEU C 38 14.36 -18.85 -7.65
C LEU C 38 14.59 -20.27 -7.12
N GLN C 39 13.63 -21.16 -7.32
CA GLN C 39 13.78 -22.51 -6.82
C GLN C 39 15.08 -23.13 -7.35
N ARG C 40 15.33 -22.99 -8.65
CA ARG C 40 16.54 -23.53 -9.24
C ARG C 40 17.73 -22.57 -9.28
N TRP C 41 17.71 -21.60 -8.38
CA TRP C 41 18.82 -20.67 -8.24
C TRP C 41 19.25 -20.74 -6.79
N GLY C 42 18.73 -21.74 -6.09
CA GLY C 42 19.06 -21.91 -4.69
C GLY C 42 17.94 -21.60 -3.71
N GLY C 43 16.82 -21.06 -4.20
CA GLY C 43 15.71 -20.74 -3.31
C GLY C 43 15.76 -19.29 -2.86
N THR C 44 14.60 -18.69 -2.65
CA THR C 44 14.56 -17.27 -2.26
C THR C 44 15.44 -16.86 -1.07
N CYS C 45 15.47 -17.64 0.01
CA CYS C 45 16.30 -17.24 1.14
C CYS C 45 17.78 -17.23 0.78
N HIS C 46 18.19 -18.08 -0.14
CA HIS C 46 19.59 -18.09 -0.53
C HIS C 46 19.96 -16.76 -1.23
N ILE C 47 19.00 -16.21 -1.97
CA ILE C 47 19.22 -14.96 -2.70
C ILE C 47 18.97 -13.70 -1.89
N LEU C 48 17.96 -13.72 -1.01
CA LEU C 48 17.62 -12.54 -0.21
C LEU C 48 18.09 -12.53 1.25
N GLY C 49 18.40 -13.69 1.83
CA GLY C 49 18.79 -13.75 3.22
C GLY C 49 17.55 -13.90 4.09
N PRO C 50 17.67 -13.79 5.44
CA PRO C 50 16.51 -13.94 6.32
C PRO C 50 15.38 -12.97 5.97
N ASP C 51 15.70 -11.97 5.17
CA ASP C 51 14.69 -11.01 4.69
C ASP C 51 13.62 -11.77 3.89
N CYS C 52 13.94 -12.99 3.43
CA CYS C 52 13.00 -13.80 2.67
C CYS C 52 11.78 -14.13 3.52
N ALA C 53 11.95 -14.06 4.84
CA ALA C 53 10.86 -14.37 5.76
C ALA C 53 9.89 -13.22 5.99
N ILE C 54 10.30 -12.01 5.66
CA ILE C 54 9.44 -10.84 5.87
C ILE C 54 8.18 -10.99 5.05
N GLU C 55 7.01 -10.86 5.67
CA GLU C 55 5.73 -10.91 4.96
C GLU C 55 4.86 -9.73 5.48
N PRO C 56 4.02 -9.12 4.62
CA PRO C 56 3.20 -8.01 5.13
C PRO C 56 2.09 -8.56 6.02
N HIS C 57 2.01 -8.07 7.25
CA HIS C 57 0.96 -8.52 8.18
C HIS C 57 -0.38 -7.97 7.69
N ASP C 58 -1.45 -8.74 7.92
CA ASP C 58 -2.77 -8.33 7.54
C ASP C 58 -3.37 -7.61 8.75
N TRP C 59 -3.42 -6.29 8.67
CA TRP C 59 -3.93 -5.46 9.77
C TRP C 59 -5.43 -5.19 9.67
N THR C 60 -6.10 -5.88 8.76
CA THR C 60 -7.51 -5.63 8.53
C THR C 60 -8.40 -5.52 9.78
N LYS C 61 -8.29 -6.47 10.70
CA LYS C 61 -9.13 -6.46 11.90
C LYS C 61 -8.88 -5.25 12.80
N ASN C 62 -7.62 -4.86 12.99
CA ASN C 62 -7.33 -3.69 13.82
C ASN C 62 -7.85 -2.42 13.15
N ILE C 63 -7.71 -2.36 11.83
CA ILE C 63 -8.18 -1.17 11.13
C ILE C 63 -9.70 -1.07 11.19
N THR C 64 -10.41 -2.17 10.93
CA THR C 64 -11.85 -2.14 11.00
C THR C 64 -12.33 -1.78 12.42
N ASP C 65 -11.58 -2.24 13.44
CA ASP C 65 -11.92 -1.93 14.83
C ASP C 65 -11.77 -0.42 15.10
N LYS C 66 -10.73 0.19 14.55
CA LYS C 66 -10.52 1.62 14.77
C LYS C 66 -11.58 2.39 13.98
N ILE C 67 -11.93 1.91 12.78
CA ILE C 67 -12.99 2.58 12.02
C ILE C 67 -14.30 2.55 12.81
N ASP C 68 -14.61 1.40 13.39
CA ASP C 68 -15.83 1.26 14.19
C ASP C 68 -15.82 2.23 15.41
N GLN C 69 -14.66 2.34 16.03
CA GLN C 69 -14.53 3.23 17.20
C GLN C 69 -14.84 4.69 16.86
N ILE C 70 -14.37 5.14 15.70
CA ILE C 70 -14.61 6.52 15.26
C ILE C 70 -16.13 6.75 15.13
N ILE C 71 -16.82 5.77 14.55
CA ILE C 71 -18.27 5.84 14.35
C ILE C 71 -18.95 5.87 15.70
N HIS C 72 -18.47 5.02 16.61
CA HIS C 72 -19.01 4.88 17.95
C HIS C 72 -18.85 6.11 18.83
N ASP C 73 -17.74 6.82 18.68
CA ASP C 73 -17.49 8.00 19.50
C ASP C 73 -17.81 9.31 18.79
N PHE C 74 -18.25 9.22 17.54
CA PHE C 74 -18.57 10.35 16.66
C PHE C 74 -18.26 11.77 17.11
#